data_4JR0
#
_entry.id   4JR0
#
_cell.length_a   65.988
_cell.length_b   84.751
_cell.length_c   96.641
_cell.angle_alpha   90.00
_cell.angle_beta   90.00
_cell.angle_gamma   90.00
#
_symmetry.space_group_name_H-M   'P 21 21 21'
#
loop_
_entity.id
_entity.type
_entity.pdbx_description
1 polymer Procaspase-3
2 polymer Ac-DEVD-CMK
3 non-polymer 'CHLORIDE ION'
4 water water
#
loop_
_entity_poly.entity_id
_entity_poly.type
_entity_poly.pdbx_seq_one_letter_code
_entity_poly.pdbx_strand_id
1 'polypeptide(L)'
;SNADNSYKMDYPEMGLCIIINNKNFHKSTGMTSRSGTDVDAANLRETFRNLKYEVRNKNDLTREEIVELMRDVSKEDHSK
RSSFVCVLLSHGEEGIIFGTNGPVDLKKITNFFRGDRCRSLTGKPKLFIIQACRGTELDCGIETASGVDDDMACHKIPVE
ADFLYAYSTAPGYYSWRNSKDGSWFIQSLCAMLKQYADKLEFMHILTRVNRKVATEFESFSFDATFHAKKQIPCIVSMLT
KELYFYH
;
A,B
2 'polypeptide(L)' (ACE)DEV(AKZ)(0QE) C,D
#
loop_
_chem_comp.id
_chem_comp.type
_chem_comp.name
_chem_comp.formula
0QE non-polymer chloromethane 'C H3 Cl'
ACE non-polymer 'ACETYL GROUP' 'C2 H4 O'
AKZ peptide-like '(3S)-3-amino-4,4-dihydroxybutanoic acid' 'C4 H9 N O4'
CL non-polymer 'CHLORIDE ION' 'Cl -1'
#
# COMPACT_ATOMS: atom_id res chain seq x y z
N ALA A 3 -22.23 -5.16 -7.25
CA ALA A 3 -22.27 -5.72 -8.60
C ALA A 3 -20.94 -5.49 -9.30
N ASP A 4 -20.70 -4.23 -9.63
CA ASP A 4 -19.41 -3.81 -10.11
C ASP A 4 -18.48 -3.61 -8.91
N ASN A 5 -18.90 -4.07 -7.73
CA ASN A 5 -18.12 -3.85 -6.52
C ASN A 5 -17.06 -4.92 -6.19
N SER A 6 -17.23 -6.13 -6.76
CA SER A 6 -16.31 -7.23 -6.47
CA SER A 6 -16.30 -7.21 -6.47
CA SER A 6 -16.32 -7.23 -6.46
C SER A 6 -15.82 -7.87 -7.76
N TYR A 7 -14.54 -8.20 -7.80
CA TYR A 7 -13.99 -8.89 -8.96
C TYR A 7 -14.78 -10.18 -9.22
N LYS A 8 -15.10 -10.43 -10.48
CA LYS A 8 -15.67 -11.69 -10.93
C LYS A 8 -14.71 -12.85 -10.63
N MET A 9 -15.10 -13.72 -9.69
CA MET A 9 -14.24 -14.83 -9.32
C MET A 9 -14.85 -16.21 -9.64
N ASP A 10 -15.85 -16.21 -10.54
CA ASP A 10 -16.49 -17.45 -10.97
C ASP A 10 -16.13 -17.84 -12.39
N TYR A 11 -14.95 -17.41 -12.86
CA TYR A 11 -14.39 -18.03 -14.05
C TYR A 11 -14.17 -19.52 -13.74
N PRO A 12 -13.99 -20.35 -14.78
CA PRO A 12 -13.75 -21.79 -14.57
C PRO A 12 -12.59 -22.09 -13.61
N GLU A 13 -11.57 -21.22 -13.63
CA GLU A 13 -10.40 -21.42 -12.77
C GLU A 13 -10.11 -20.19 -11.91
N MET A 14 -9.64 -20.40 -10.68
CA MET A 14 -9.22 -19.26 -9.87
C MET A 14 -8.01 -18.58 -10.49
N GLY A 15 -7.10 -19.37 -11.05
CA GLY A 15 -5.90 -18.79 -11.62
C GLY A 15 -4.63 -19.51 -11.20
N LEU A 16 -3.50 -19.08 -11.76
CA LEU A 16 -2.21 -19.60 -11.32
C LEU A 16 -1.74 -18.96 -10.02
N CYS A 17 -0.96 -19.73 -9.25
CA CYS A 17 -0.21 -19.19 -8.14
C CYS A 17 1.23 -19.63 -8.35
N ILE A 18 2.08 -18.70 -8.77
CA ILE A 18 3.50 -19.01 -9.05
C ILE A 18 4.30 -18.73 -7.79
N ILE A 19 5.01 -19.72 -7.26
CA ILE A 19 5.80 -19.52 -6.05
C ILE A 19 7.27 -19.63 -6.43
N ILE A 20 8.03 -18.56 -6.28
CA ILE A 20 9.44 -18.62 -6.58
C ILE A 20 10.15 -18.68 -5.25
N ASN A 21 10.75 -19.84 -4.98
CA ASN A 21 11.33 -20.13 -3.68
C ASN A 21 12.86 -20.20 -3.79
N ASN A 22 13.55 -19.10 -3.49
CA ASN A 22 15.01 -19.08 -3.61
C ASN A 22 15.69 -19.27 -2.26
N LYS A 23 16.35 -20.41 -2.12
CA LYS A 23 16.96 -20.80 -0.87
C LYS A 23 18.48 -20.70 -0.91
N ASN A 24 19.05 -21.13 -2.03
CA ASN A 24 20.50 -21.27 -2.18
C ASN A 24 21.07 -20.27 -3.19
N PHE A 25 22.06 -19.50 -2.78
CA PHE A 25 22.59 -18.42 -3.62
C PHE A 25 24.05 -18.65 -3.96
N HIS A 26 24.46 -18.18 -5.14
CA HIS A 26 25.86 -18.30 -5.53
C HIS A 26 26.73 -17.51 -4.55
N LYS A 27 27.91 -18.04 -4.22
CA LYS A 27 28.77 -17.33 -3.25
C LYS A 27 29.17 -15.93 -3.72
N SER A 28 29.24 -15.71 -5.03
CA SER A 28 29.60 -14.40 -5.56
CA SER A 28 29.60 -14.40 -5.55
C SER A 28 28.57 -13.32 -5.24
N THR A 29 27.37 -13.72 -4.82
CA THR A 29 26.37 -12.72 -4.46
C THR A 29 26.59 -12.21 -3.05
N GLY A 30 27.33 -12.96 -2.26
CA GLY A 30 27.52 -12.63 -0.86
C GLY A 30 26.32 -12.96 0.01
N MET A 31 25.29 -13.57 -0.57
CA MET A 31 24.05 -13.88 0.15
CA MET A 31 24.09 -13.87 0.20
C MET A 31 24.10 -15.27 0.79
N THR A 32 23.45 -15.42 1.94
CA THR A 32 23.47 -16.70 2.65
C THR A 32 22.18 -17.49 2.40
N SER A 33 22.20 -18.79 2.72
CA SER A 33 21.05 -19.64 2.45
C SER A 33 19.87 -19.25 3.34
N ARG A 34 18.69 -19.36 2.79
CA ARG A 34 17.49 -18.87 3.46
C ARG A 34 16.78 -20.01 4.21
N SER A 35 17.42 -20.50 5.27
CA SER A 35 16.81 -21.53 6.13
C SER A 35 15.41 -21.14 6.59
N GLY A 36 14.47 -22.06 6.44
CA GLY A 36 13.09 -21.80 6.77
C GLY A 36 12.23 -21.55 5.53
N THR A 37 12.86 -21.20 4.42
CA THR A 37 12.05 -20.85 3.24
C THR A 37 11.23 -22.02 2.69
N ASP A 38 11.73 -23.26 2.83
CA ASP A 38 10.97 -24.42 2.33
C ASP A 38 9.69 -24.60 3.12
N VAL A 39 9.73 -24.24 4.40
CA VAL A 39 8.53 -24.28 5.23
C VAL A 39 7.48 -23.31 4.68
N ASP A 40 7.92 -22.10 4.31
CA ASP A 40 7.03 -21.13 3.66
C ASP A 40 6.45 -21.66 2.33
N ALA A 41 7.31 -22.21 1.49
CA ALA A 41 6.88 -22.69 0.18
C ALA A 41 5.84 -23.81 0.29
N ALA A 42 6.06 -24.71 1.24
CA ALA A 42 5.11 -25.80 1.48
C ALA A 42 3.77 -25.27 2.01
N ASN A 43 3.82 -24.32 2.94
CA ASN A 43 2.61 -23.77 3.56
C ASN A 43 1.80 -23.04 2.48
N LEU A 44 2.48 -22.27 1.64
CA LEU A 44 1.82 -21.54 0.56
C LEU A 44 1.18 -22.49 -0.45
N ARG A 45 1.94 -23.50 -0.84
CA ARG A 45 1.42 -24.46 -1.81
CA ARG A 45 1.43 -24.47 -1.80
C ARG A 45 0.10 -25.06 -1.32
N GLU A 46 0.08 -25.50 -0.07
CA GLU A 46 -1.14 -26.10 0.48
CA GLU A 46 -1.10 -26.09 0.55
C GLU A 46 -2.26 -25.09 0.65
N THR A 47 -1.91 -23.89 1.10
CA THR A 47 -2.89 -22.84 1.35
C THR A 47 -3.59 -22.44 0.05
N PHE A 48 -2.78 -22.14 -0.97
CA PHE A 48 -3.35 -21.77 -2.27
C PHE A 48 -4.05 -22.93 -3.01
N ARG A 49 -3.59 -24.16 -2.79
CA ARG A 49 -4.29 -25.32 -3.33
CA ARG A 49 -4.29 -25.32 -3.33
C ARG A 49 -5.70 -25.41 -2.75
N ASN A 50 -5.82 -25.18 -1.46
CA ASN A 50 -7.13 -25.19 -0.82
C ASN A 50 -8.04 -24.08 -1.33
N LEU A 51 -7.45 -22.99 -1.81
CA LEU A 51 -8.22 -21.91 -2.43
C LEU A 51 -8.52 -22.17 -3.89
N LYS A 52 -8.09 -23.34 -4.36
CA LYS A 52 -8.29 -23.79 -5.75
C LYS A 52 -7.45 -23.06 -6.81
N TYR A 53 -6.30 -22.52 -6.40
CA TYR A 53 -5.29 -22.04 -7.38
C TYR A 53 -4.45 -23.21 -7.91
N GLU A 54 -4.08 -23.12 -9.18
CA GLU A 54 -3.12 -24.05 -9.78
C GLU A 54 -1.74 -23.55 -9.36
N VAL A 55 -1.11 -24.24 -8.41
CA VAL A 55 0.16 -23.77 -7.85
C VAL A 55 1.32 -24.36 -8.62
N ARG A 56 2.29 -23.52 -8.98
CA ARG A 56 3.53 -23.99 -9.56
C ARG A 56 4.65 -23.54 -8.66
N ASN A 57 5.38 -24.49 -8.07
CA ASN A 57 6.52 -24.17 -7.19
C ASN A 57 7.80 -24.24 -8.00
N LYS A 58 8.58 -23.17 -7.98
CA LYS A 58 9.86 -23.15 -8.68
C LYS A 58 10.94 -22.87 -7.65
N ASN A 59 12.05 -23.61 -7.71
CA ASN A 59 13.06 -23.48 -6.67
C ASN A 59 14.37 -23.01 -7.25
N ASP A 60 15.03 -22.09 -6.55
CA ASP A 60 16.40 -21.69 -6.85
C ASP A 60 16.57 -21.23 -8.29
N LEU A 61 15.83 -20.18 -8.66
CA LEU A 61 15.93 -19.64 -10.03
C LEU A 61 16.96 -18.52 -10.13
N THR A 62 17.76 -18.54 -11.19
CA THR A 62 18.62 -17.41 -11.48
C THR A 62 17.79 -16.20 -11.88
N ARG A 63 18.43 -15.06 -11.96
CA ARG A 63 17.67 -13.88 -12.32
C ARG A 63 17.12 -14.00 -13.74
N GLU A 64 17.88 -14.66 -14.62
CA GLU A 64 17.44 -14.89 -15.99
C GLU A 64 16.20 -15.79 -16.03
N GLU A 65 16.24 -16.85 -15.22
CA GLU A 65 15.12 -17.79 -15.12
C GLU A 65 13.86 -17.15 -14.54
N ILE A 66 14.03 -16.26 -13.58
CA ILE A 66 12.89 -15.52 -13.03
C ILE A 66 12.20 -14.69 -14.12
N VAL A 67 13.01 -13.94 -14.86
CA VAL A 67 12.46 -13.06 -15.90
C VAL A 67 11.76 -13.90 -16.98
N GLU A 68 12.41 -14.98 -17.40
CA GLU A 68 11.86 -15.83 -18.46
CA GLU A 68 11.87 -15.84 -18.46
C GLU A 68 10.59 -16.56 -18.01
N LEU A 69 10.58 -17.00 -16.76
CA LEU A 69 9.38 -17.64 -16.22
C LEU A 69 8.20 -16.67 -16.26
N MET A 70 8.44 -15.45 -15.79
CA MET A 70 7.35 -14.49 -15.74
C MET A 70 6.91 -14.06 -17.13
N ARG A 71 7.86 -13.92 -18.06
CA ARG A 71 7.53 -13.60 -19.44
C ARG A 71 6.62 -14.71 -19.99
N ASP A 72 7.04 -15.95 -19.80
CA ASP A 72 6.28 -17.07 -20.33
C ASP A 72 4.86 -17.17 -19.74
N VAL A 73 4.75 -17.01 -18.41
CA VAL A 73 3.46 -17.07 -17.74
C VAL A 73 2.56 -15.96 -18.26
N SER A 74 3.14 -14.79 -18.48
CA SER A 74 2.38 -13.66 -19.01
C SER A 74 1.86 -13.88 -20.43
N LYS A 75 2.46 -14.82 -21.18
CA LYS A 75 2.02 -15.09 -22.53
CA LYS A 75 2.03 -15.11 -22.54
C LYS A 75 1.05 -16.27 -22.64
N GLU A 76 0.75 -16.92 -21.52
CA GLU A 76 -0.30 -17.93 -21.50
C GLU A 76 -1.66 -17.27 -21.67
N ASP A 77 -2.64 -18.05 -22.07
CA ASP A 77 -4.01 -17.58 -22.19
C ASP A 77 -4.69 -17.69 -20.82
N HIS A 78 -4.90 -16.56 -20.15
CA HIS A 78 -5.55 -16.57 -18.84
C HIS A 78 -7.06 -16.30 -18.95
N SER A 79 -7.64 -16.45 -20.14
CA SER A 79 -9.05 -16.08 -20.38
CA SER A 79 -9.04 -16.06 -20.35
C SER A 79 -10.02 -16.76 -19.42
N LYS A 80 -9.75 -18.03 -19.07
CA LYS A 80 -10.64 -18.78 -18.21
C LYS A 80 -10.27 -18.69 -16.73
N ARG A 81 -9.37 -17.75 -16.38
CA ARG A 81 -8.83 -17.64 -15.04
C ARG A 81 -9.29 -16.34 -14.39
N SER A 82 -9.62 -16.39 -13.10
CA SER A 82 -10.16 -15.23 -12.41
C SER A 82 -9.10 -14.20 -12.02
N SER A 83 -7.90 -14.68 -11.76
CA SER A 83 -6.89 -13.85 -11.09
C SER A 83 -5.53 -14.44 -11.36
N PHE A 84 -4.50 -13.78 -10.85
CA PHE A 84 -3.15 -14.28 -10.97
C PHE A 84 -2.43 -13.94 -9.67
N VAL A 85 -1.70 -14.91 -9.12
CA VAL A 85 -0.92 -14.73 -7.90
C VAL A 85 0.55 -15.10 -8.13
N CYS A 86 1.46 -14.28 -7.63
CA CYS A 86 2.88 -14.61 -7.72
C CYS A 86 3.48 -14.37 -6.35
N VAL A 87 4.14 -15.38 -5.80
CA VAL A 87 4.75 -15.22 -4.48
C VAL A 87 6.28 -15.31 -4.63
N LEU A 88 6.97 -14.31 -4.12
CA LEU A 88 8.43 -14.24 -4.23
C LEU A 88 9.04 -14.42 -2.84
N LEU A 89 9.90 -15.44 -2.70
CA LEU A 89 10.58 -15.70 -1.43
C LEU A 89 12.08 -15.61 -1.72
N SER A 90 12.74 -14.56 -1.26
CA SER A 90 14.16 -14.45 -1.55
C SER A 90 14.75 -13.32 -0.74
N HIS A 91 16.04 -13.08 -0.93
CA HIS A 91 16.63 -11.83 -0.45
C HIS A 91 16.14 -10.68 -1.32
N GLY A 92 16.19 -9.47 -0.80
CA GLY A 92 15.74 -8.32 -1.56
C GLY A 92 16.21 -7.01 -0.96
N GLU A 93 15.96 -5.94 -1.73
CA GLU A 93 16.18 -4.58 -1.28
C GLU A 93 14.99 -3.87 -1.88
N GLU A 94 14.84 -2.58 -1.61
CA GLU A 94 13.69 -1.87 -2.11
C GLU A 94 13.64 -1.98 -3.63
N GLY A 95 12.56 -2.52 -4.15
CA GLY A 95 12.36 -2.62 -5.59
C GLY A 95 13.11 -3.75 -6.28
N ILE A 96 13.77 -4.59 -5.48
CA ILE A 96 14.68 -5.63 -6.01
C ILE A 96 14.44 -6.98 -5.32
N ILE A 97 14.42 -8.06 -6.10
CA ILE A 97 14.33 -9.43 -5.57
C ILE A 97 15.56 -10.17 -6.11
N PHE A 98 16.17 -11.03 -5.30
CA PHE A 98 17.36 -11.72 -5.80
C PHE A 98 17.06 -13.02 -6.49
N GLY A 99 17.58 -13.16 -7.70
CA GLY A 99 17.75 -14.48 -8.29
C GLY A 99 18.91 -15.13 -7.54
N THR A 100 19.14 -16.42 -7.76
CA THR A 100 20.28 -17.07 -7.11
C THR A 100 21.63 -16.49 -7.48
N ASN A 101 21.70 -15.81 -8.63
CA ASN A 101 22.97 -15.27 -9.12
C ASN A 101 23.06 -13.74 -9.15
N GLY A 102 22.03 -13.07 -8.66
CA GLY A 102 22.06 -11.63 -8.60
C GLY A 102 20.66 -11.03 -8.62
N PRO A 103 20.59 -9.70 -8.54
CA PRO A 103 19.34 -8.96 -8.36
C PRO A 103 18.51 -8.81 -9.65
N VAL A 104 17.19 -8.81 -9.47
CA VAL A 104 16.21 -8.54 -10.53
C VAL A 104 15.35 -7.36 -10.07
N ASP A 105 15.17 -6.36 -10.92
CA ASP A 105 14.22 -5.29 -10.63
CA ASP A 105 14.24 -5.28 -10.65
C ASP A 105 12.82 -5.84 -10.62
N LEU A 106 12.09 -5.58 -9.53
CA LEU A 106 10.71 -6.07 -9.41
CA LEU A 106 10.72 -6.07 -9.42
C LEU A 106 9.85 -5.54 -10.56
N LYS A 107 10.06 -4.28 -10.93
CA LYS A 107 9.29 -3.67 -12.02
C LYS A 107 9.40 -4.46 -13.33
N LYS A 108 10.56 -5.05 -13.58
CA LYS A 108 10.75 -5.88 -14.76
C LYS A 108 9.85 -7.12 -14.75
N ILE A 109 9.63 -7.68 -13.56
CA ILE A 109 8.77 -8.85 -13.34
C ILE A 109 7.28 -8.47 -13.50
N THR A 110 6.88 -7.40 -12.84
CA THR A 110 5.46 -7.03 -12.88
C THR A 110 5.02 -6.43 -14.21
N ASN A 111 5.95 -5.80 -14.92
CA ASN A 111 5.62 -5.13 -16.18
C ASN A 111 5.02 -6.07 -17.21
N PHE A 112 5.39 -7.35 -17.16
CA PHE A 112 4.83 -8.34 -18.09
C PHE A 112 3.31 -8.45 -17.97
N PHE A 113 2.78 -8.07 -16.81
CA PHE A 113 1.37 -8.26 -16.50
C PHE A 113 0.53 -6.99 -16.58
N ARG A 114 1.14 -5.89 -17.04
CA ARG A 114 0.43 -4.63 -17.17
C ARG A 114 -0.77 -4.81 -18.08
N GLY A 115 -1.80 -3.99 -17.86
CA GLY A 115 -3.08 -4.16 -18.55
C GLY A 115 -2.94 -4.20 -20.05
N ASP A 116 -1.96 -3.49 -20.58
CA ASP A 116 -1.80 -3.44 -22.03
C ASP A 116 -0.83 -4.49 -22.58
N ARG A 117 -0.42 -5.44 -21.73
CA ARG A 117 0.64 -6.38 -22.14
C ARG A 117 0.25 -7.84 -21.91
N CYS A 118 -0.78 -8.06 -21.11
CA CYS A 118 -1.30 -9.38 -20.84
C CYS A 118 -2.82 -9.25 -20.86
N ARG A 119 -3.37 -9.20 -22.07
CA ARG A 119 -4.78 -8.82 -22.26
C ARG A 119 -5.77 -9.76 -21.56
N SER A 120 -5.41 -11.03 -21.41
CA SER A 120 -6.31 -11.98 -20.77
C SER A 120 -6.32 -11.85 -19.24
N LEU A 121 -5.47 -10.97 -18.69
CA LEU A 121 -5.59 -10.61 -17.29
C LEU A 121 -6.09 -9.18 -17.07
N THR A 122 -6.38 -8.47 -18.15
CA THR A 122 -6.88 -7.10 -17.99
C THR A 122 -8.18 -7.10 -17.19
N GLY A 123 -8.25 -6.20 -16.21
CA GLY A 123 -9.40 -6.10 -15.33
C GLY A 123 -9.49 -7.18 -14.25
N LYS A 124 -8.48 -8.03 -14.17
CA LYS A 124 -8.44 -9.09 -13.17
C LYS A 124 -7.35 -8.81 -12.13
N PRO A 125 -7.58 -9.22 -10.89
CA PRO A 125 -6.59 -8.85 -9.87
C PRO A 125 -5.29 -9.63 -10.06
N LYS A 126 -4.18 -8.92 -9.95
CA LYS A 126 -2.84 -9.50 -10.03
C LYS A 126 -2.14 -9.24 -8.70
N LEU A 127 -1.85 -10.32 -7.97
CA LEU A 127 -1.39 -10.18 -6.59
C LEU A 127 0.06 -10.60 -6.53
N PHE A 128 0.92 -9.73 -6.02
CA PHE A 128 2.33 -10.07 -5.86
C PHE A 128 2.64 -10.04 -4.39
N ILE A 129 3.03 -11.20 -3.85
CA ILE A 129 3.19 -11.34 -2.42
C ILE A 129 4.67 -11.54 -2.23
N ILE A 130 5.29 -10.66 -1.46
CA ILE A 130 6.75 -10.60 -1.49
C ILE A 130 7.36 -10.68 -0.11
N GLN A 131 8.08 -11.77 0.14
CA GLN A 131 8.83 -11.95 1.38
C GLN A 131 10.28 -11.67 1.02
N ALA A 132 10.74 -10.48 1.42
CA ALA A 132 12.10 -10.01 1.13
C ALA A 132 12.29 -8.72 1.88
N CYS A 133 13.54 -8.41 2.20
CA CYS A 133 13.87 -7.12 2.79
C CYS A 133 13.66 -5.95 1.82
N ARG A 134 13.47 -4.75 2.35
CA ARG A 134 13.23 -3.59 1.50
C ARG A 134 14.18 -2.44 1.82
N GLY A 135 15.44 -2.77 2.12
CA GLY A 135 16.40 -1.72 2.46
C GLY A 135 16.53 -0.73 1.31
N THR A 136 16.66 0.56 1.61
CA THR A 136 16.69 1.57 0.55
C THR A 136 18.10 1.96 0.12
N LYS A 156 -6.99 2.90 -22.14
CA LYS A 156 -8.32 2.66 -21.57
C LYS A 156 -8.28 2.58 -20.05
N ILE A 157 -7.27 1.87 -19.51
CA ILE A 157 -7.12 1.77 -18.07
C ILE A 157 -5.68 2.09 -17.65
N PRO A 158 -5.51 2.74 -16.49
CA PRO A 158 -4.16 2.97 -15.96
C PRO A 158 -3.37 1.67 -16.00
N VAL A 159 -2.08 1.72 -16.35
CA VAL A 159 -1.32 0.49 -16.54
C VAL A 159 -1.12 -0.23 -15.21
N GLU A 160 -1.15 0.51 -14.11
CA GLU A 160 -0.91 -0.08 -12.80
C GLU A 160 -2.19 -0.59 -12.15
N ALA A 161 -3.35 -0.39 -12.79
CA ALA A 161 -4.61 -0.77 -12.14
C ALA A 161 -4.68 -2.28 -11.92
N ASP A 162 -5.38 -2.68 -10.87
CA ASP A 162 -5.65 -4.09 -10.56
C ASP A 162 -4.43 -4.87 -10.12
N PHE A 163 -3.40 -4.15 -9.66
CA PHE A 163 -2.29 -4.80 -8.95
C PHE A 163 -2.42 -4.64 -7.46
N LEU A 164 -1.99 -5.68 -6.75
CA LEU A 164 -1.86 -5.59 -5.31
C LEU A 164 -0.50 -6.16 -4.93
N TYR A 165 0.25 -5.39 -4.15
CA TYR A 165 1.54 -5.85 -3.62
C TYR A 165 1.38 -6.08 -2.13
N ALA A 166 1.52 -7.33 -1.70
CA ALA A 166 1.49 -7.61 -0.27
C ALA A 166 2.93 -7.77 0.18
N TYR A 167 3.52 -6.69 0.68
CA TYR A 167 4.91 -6.71 1.10
C TYR A 167 5.02 -7.19 2.54
N SER A 168 6.07 -7.97 2.81
CA SER A 168 6.26 -8.52 4.15
C SER A 168 6.63 -7.42 5.15
N THR A 169 7.12 -6.29 4.66
CA THR A 169 7.61 -5.24 5.56
C THR A 169 7.47 -3.87 4.89
N ALA A 170 7.58 -2.84 5.72
CA ALA A 170 7.48 -1.44 5.31
C ALA A 170 8.69 -1.03 4.47
N PRO A 171 8.55 0.02 3.64
CA PRO A 171 9.70 0.45 2.83
C PRO A 171 10.90 0.85 3.68
N GLY A 172 12.07 0.41 3.25
CA GLY A 172 13.28 0.71 3.98
C GLY A 172 13.62 -0.28 5.09
N TYR A 173 12.73 -1.22 5.39
CA TYR A 173 12.97 -2.09 6.55
C TYR A 173 13.40 -3.51 6.22
N TYR A 174 13.87 -4.20 7.25
CA TYR A 174 14.19 -5.63 7.14
C TYR A 174 12.95 -6.51 7.27
N SER A 175 13.07 -7.75 6.81
CA SER A 175 12.01 -8.71 6.98
CA SER A 175 12.01 -8.75 6.92
C SER A 175 12.61 -9.99 7.56
N TRP A 176 11.92 -10.56 8.56
CA TRP A 176 12.47 -11.67 9.33
CA TRP A 176 12.42 -11.67 9.36
C TRP A 176 11.93 -13.05 8.97
N ARG A 177 12.84 -14.02 9.05
CA ARG A 177 12.59 -15.41 8.69
C ARG A 177 13.18 -16.29 9.78
N ASN A 178 12.41 -17.25 10.25
CA ASN A 178 12.89 -18.18 11.27
C ASN A 178 13.25 -19.51 10.63
N SER A 179 14.43 -20.05 10.98
CA SER A 179 14.93 -21.25 10.30
CA SER A 179 14.93 -21.24 10.29
C SER A 179 14.00 -22.43 10.50
N LYS A 180 13.34 -22.48 11.65
CA LYS A 180 12.44 -23.58 11.98
CA LYS A 180 12.44 -23.60 11.94
C LYS A 180 11.04 -23.40 11.40
N ASP A 181 10.45 -22.23 11.64
CA ASP A 181 9.04 -21.95 11.41
C ASP A 181 8.69 -21.27 10.08
N GLY A 182 9.69 -20.71 9.39
CA GLY A 182 9.42 -19.96 8.19
C GLY A 182 9.38 -18.46 8.47
N SER A 183 9.03 -17.66 7.47
CA SER A 183 9.03 -16.23 7.69
C SER A 183 7.79 -15.78 8.46
N TRP A 184 7.96 -14.73 9.26
CA TRP A 184 6.86 -14.23 10.06
C TRP A 184 5.66 -13.89 9.15
N PHE A 185 5.95 -13.23 8.05
CA PHE A 185 4.89 -12.77 7.16
C PHE A 185 4.16 -13.95 6.49
N ILE A 186 4.91 -14.88 5.90
CA ILE A 186 4.27 -15.96 5.16
C ILE A 186 3.50 -16.90 6.10
N GLN A 187 4.04 -17.19 7.28
CA GLN A 187 3.32 -18.06 8.19
CA GLN A 187 3.29 -18.07 8.17
C GLN A 187 2.02 -17.38 8.65
N SER A 188 2.10 -16.07 8.90
CA SER A 188 0.91 -15.31 9.30
C SER A 188 -0.11 -15.23 8.17
N LEU A 189 0.38 -15.02 6.94
CA LEU A 189 -0.49 -14.94 5.77
C LEU A 189 -1.24 -16.26 5.54
N CYS A 190 -0.51 -17.38 5.60
CA CYS A 190 -1.17 -18.67 5.43
C CYS A 190 -2.20 -18.92 6.53
N ALA A 191 -1.86 -18.54 7.77
CA ALA A 191 -2.77 -18.79 8.87
C ALA A 191 -4.07 -18.01 8.67
N MET A 192 -3.94 -16.75 8.23
CA MET A 192 -5.11 -15.89 8.09
C MET A 192 -5.95 -16.29 6.87
N LEU A 193 -5.29 -16.69 5.78
CA LEU A 193 -6.02 -17.26 4.66
C LEU A 193 -6.77 -18.54 5.07
N LYS A 194 -6.11 -19.45 5.76
CA LYS A 194 -6.80 -20.66 6.19
CA LYS A 194 -6.76 -20.67 6.24
C LYS A 194 -8.02 -20.34 7.06
N GLN A 195 -7.89 -19.36 7.94
CA GLN A 195 -8.97 -19.05 8.88
CA GLN A 195 -8.97 -19.03 8.88
C GLN A 195 -10.10 -18.19 8.27
N TYR A 196 -9.73 -17.28 7.37
CA TYR A 196 -10.69 -16.25 6.91
C TYR A 196 -11.01 -16.15 5.42
N ALA A 197 -10.33 -16.94 4.59
CA ALA A 197 -10.51 -16.78 3.13
C ALA A 197 -11.93 -17.10 2.69
N ASP A 198 -12.66 -17.87 3.49
CA ASP A 198 -14.04 -18.19 3.12
C ASP A 198 -15.02 -17.14 3.61
N LYS A 199 -14.53 -16.11 4.30
CA LYS A 199 -15.48 -15.11 4.82
C LYS A 199 -15.07 -13.64 4.81
N LEU A 200 -13.80 -13.33 4.59
CA LEU A 200 -13.40 -11.93 4.59
C LEU A 200 -12.83 -11.52 3.26
N GLU A 201 -13.01 -10.24 2.93
CA GLU A 201 -12.38 -9.65 1.74
C GLU A 201 -10.86 -9.61 1.91
N PHE A 202 -10.11 -9.74 0.82
CA PHE A 202 -8.67 -9.89 0.92
C PHE A 202 -7.93 -8.78 1.69
N MET A 203 -8.33 -7.51 1.57
CA MET A 203 -7.65 -6.45 2.30
CA MET A 203 -7.66 -6.46 2.30
C MET A 203 -7.84 -6.64 3.80
N HIS A 204 -9.00 -7.16 4.17
CA HIS A 204 -9.27 -7.38 5.59
C HIS A 204 -8.48 -8.58 6.12
N ILE A 205 -8.29 -9.58 5.27
CA ILE A 205 -7.41 -10.69 5.61
C ILE A 205 -5.99 -10.16 5.82
N LEU A 206 -5.50 -9.34 4.87
CA LEU A 206 -4.13 -8.79 5.00
C LEU A 206 -3.97 -7.86 6.22
N THR A 207 -5.06 -7.21 6.63
CA THR A 207 -4.99 -6.36 7.81
C THR A 207 -4.77 -7.19 9.06
N ARG A 208 -5.40 -8.36 9.11
CA ARG A 208 -5.12 -9.28 10.23
C ARG A 208 -3.71 -9.82 10.20
N VAL A 209 -3.20 -10.06 9.00
CA VAL A 209 -1.80 -10.43 8.86
C VAL A 209 -0.89 -9.33 9.42
N ASN A 210 -1.17 -8.07 9.08
CA ASN A 210 -0.40 -6.96 9.65
C ASN A 210 -0.38 -7.03 11.19
N ARG A 211 -1.54 -7.21 11.79
CA ARG A 211 -1.60 -7.20 13.25
C ARG A 211 -0.88 -8.42 13.84
N LYS A 212 -1.06 -9.58 13.21
CA LYS A 212 -0.42 -10.80 13.71
C LYS A 212 1.10 -10.62 13.68
N VAL A 213 1.61 -10.17 12.53
CA VAL A 213 3.07 -9.96 12.41
C VAL A 213 3.56 -8.92 13.40
N ALA A 214 2.82 -7.81 13.53
CA ALA A 214 3.27 -6.74 14.39
C ALA A 214 3.21 -7.08 15.87
N THR A 215 2.32 -8.00 16.26
CA THR A 215 2.11 -8.22 17.69
C THR A 215 2.68 -9.53 18.23
N GLU A 216 2.94 -10.50 17.37
CA GLU A 216 3.29 -11.83 17.87
C GLU A 216 4.76 -12.21 17.67
N PHE A 217 5.53 -11.31 17.11
CA PHE A 217 6.91 -11.62 16.76
C PHE A 217 7.85 -10.52 17.25
N GLU A 218 9.01 -10.95 17.74
CA GLU A 218 10.12 -10.07 17.99
C GLU A 218 11.39 -10.84 17.67
N SER A 219 12.34 -10.20 17.00
CA SER A 219 13.53 -10.93 16.53
C SER A 219 14.52 -11.28 17.64
N PHE A 220 15.23 -12.39 17.44
CA PHE A 220 16.35 -12.77 18.30
C PHE A 220 17.60 -12.91 17.43
N SER A 221 18.67 -12.21 17.79
CA SER A 221 19.88 -12.27 16.99
C SER A 221 21.10 -11.98 17.84
N PHE A 222 22.21 -12.63 17.52
CA PHE A 222 23.46 -12.33 18.21
C PHE A 222 23.94 -10.95 17.79
N ASP A 223 23.59 -10.56 16.57
CA ASP A 223 23.92 -9.26 16.02
C ASP A 223 22.91 -8.23 16.53
N ALA A 224 23.36 -7.31 17.37
CA ALA A 224 22.50 -6.26 17.92
C ALA A 224 21.72 -5.48 16.86
N THR A 225 22.29 -5.35 15.67
CA THR A 225 21.65 -4.67 14.54
C THR A 225 20.32 -5.32 14.22
N PHE A 226 20.23 -6.62 14.46
CA PHE A 226 19.10 -7.42 14.03
C PHE A 226 18.27 -7.93 15.23
N HIS A 227 18.65 -7.54 16.43
CA HIS A 227 18.07 -8.15 17.61
C HIS A 227 16.96 -7.31 18.23
N ALA A 228 15.95 -7.98 18.78
CA ALA A 228 14.83 -7.35 19.49
C ALA A 228 14.08 -6.36 18.60
N LYS A 229 13.98 -6.69 17.33
CA LYS A 229 13.28 -5.84 16.37
C LYS A 229 11.87 -6.35 16.09
N LYS A 230 11.00 -5.45 15.66
CA LYS A 230 9.68 -5.85 15.26
C LYS A 230 9.47 -5.47 13.79
N GLN A 231 8.40 -6.00 13.21
CA GLN A 231 8.12 -5.84 11.77
C GLN A 231 6.65 -5.53 11.54
N ILE A 232 6.34 -4.66 10.56
CA ILE A 232 4.95 -4.48 10.13
C ILE A 232 4.87 -4.63 8.62
N PRO A 233 4.02 -5.54 8.14
CA PRO A 233 3.90 -5.68 6.69
C PRO A 233 3.20 -4.45 6.12
N CYS A 234 3.17 -4.37 4.78
CA CYS A 234 2.76 -3.16 4.11
C CYS A 234 1.93 -3.55 2.88
N ILE A 235 0.64 -3.21 2.89
CA ILE A 235 -0.27 -3.57 1.81
C ILE A 235 -0.29 -2.41 0.82
N VAL A 236 0.04 -2.67 -0.44
CA VAL A 236 -0.02 -1.61 -1.44
C VAL A 236 -1.05 -2.01 -2.49
N SER A 237 -2.20 -1.34 -2.47
CA SER A 237 -3.29 -1.74 -3.33
C SER A 237 -3.64 -0.72 -4.38
N MET A 238 -3.57 -1.17 -5.63
CA MET A 238 -4.16 -0.41 -6.72
CA MET A 238 -4.13 -0.46 -6.77
C MET A 238 -5.32 -1.23 -7.32
N LEU A 239 -5.94 -2.07 -6.48
CA LEU A 239 -7.11 -2.81 -6.90
C LEU A 239 -8.27 -1.83 -7.09
N THR A 240 -9.20 -2.20 -7.98
CA THR A 240 -10.36 -1.39 -8.27
C THR A 240 -11.65 -1.99 -7.73
N LYS A 241 -11.58 -3.22 -7.22
CA LYS A 241 -12.74 -3.89 -6.66
C LYS A 241 -12.33 -4.72 -5.46
N GLU A 242 -13.35 -5.16 -4.71
CA GLU A 242 -13.15 -6.10 -3.62
C GLU A 242 -12.83 -7.50 -4.14
N LEU A 243 -11.99 -8.20 -3.39
CA LEU A 243 -11.54 -9.53 -3.80
C LEU A 243 -11.92 -10.52 -2.72
N TYR A 244 -12.78 -11.47 -3.10
CA TYR A 244 -13.15 -12.60 -2.27
C TYR A 244 -12.67 -13.88 -2.95
N PHE A 245 -12.09 -14.80 -2.18
CA PHE A 245 -11.56 -16.03 -2.75
C PHE A 245 -12.62 -17.11 -2.92
N TYR A 246 -13.80 -16.68 -3.32
CA TYR A 246 -14.93 -17.56 -3.54
C TYR A 246 -15.93 -16.76 -4.34
N HIS A 247 -16.94 -17.44 -4.88
CA HIS A 247 -18.02 -16.71 -5.55
C HIS A 247 -19.35 -17.02 -4.88
N ASN B 2 -15.82 -5.04 19.65
CA ASN B 2 -14.92 -5.80 18.80
C ASN B 2 -13.56 -5.12 18.63
N ALA B 3 -13.03 -4.61 19.74
CA ALA B 3 -11.75 -3.89 19.73
C ALA B 3 -10.56 -4.71 19.19
N ASP B 4 -10.66 -6.03 19.24
CA ASP B 4 -9.65 -6.91 18.65
C ASP B 4 -9.46 -6.63 17.14
N ASN B 5 -10.56 -6.62 16.38
CA ASN B 5 -10.44 -6.57 14.91
C ASN B 5 -10.75 -5.23 14.27
N SER B 6 -11.32 -4.33 15.06
CA SER B 6 -11.73 -3.02 14.57
CA SER B 6 -11.67 -3.01 14.54
CA SER B 6 -11.68 -3.01 14.55
C SER B 6 -11.21 -1.93 15.52
N TYR B 7 -10.66 -0.85 14.96
CA TYR B 7 -10.19 0.23 15.81
C TYR B 7 -11.33 0.81 16.67
N LYS B 8 -11.03 1.07 17.93
CA LYS B 8 -11.98 1.75 18.80
C LYS B 8 -12.21 3.20 18.30
N MET B 9 -13.42 3.49 17.84
CA MET B 9 -13.73 4.82 17.30
C MET B 9 -14.83 5.50 18.11
N ASP B 10 -15.02 5.02 19.33
CA ASP B 10 -16.00 5.67 20.24
C ASP B 10 -15.36 6.44 21.39
N TYR B 11 -14.12 6.90 21.18
CA TYR B 11 -13.56 7.92 22.09
C TYR B 11 -14.44 9.16 22.02
N PRO B 12 -14.32 10.07 23.00
CA PRO B 12 -15.15 11.28 22.98
C PRO B 12 -15.06 12.08 21.69
N GLU B 13 -13.91 12.03 21.02
CA GLU B 13 -13.71 12.75 19.76
C GLU B 13 -13.16 11.82 18.69
N MET B 14 -13.61 12.05 17.45
CA MET B 14 -13.06 11.29 16.33
C MET B 14 -11.59 11.64 16.18
N GLY B 15 -11.26 12.91 16.34
CA GLY B 15 -9.89 13.35 16.21
C GLY B 15 -9.71 14.56 15.30
N LEU B 16 -8.47 14.98 15.12
CA LEU B 16 -8.19 16.11 14.24
C LEU B 16 -8.11 15.71 12.78
N CYS B 17 -8.49 16.65 11.91
CA CYS B 17 -8.21 16.50 10.49
C CYS B 17 -7.49 17.76 10.04
N ILE B 18 -6.18 17.66 9.82
CA ILE B 18 -5.36 18.82 9.46
C ILE B 18 -5.27 18.87 7.94
N ILE B 19 -5.74 19.98 7.34
CA ILE B 19 -5.71 20.11 5.89
C ILE B 19 -4.67 21.16 5.53
N ILE B 20 -3.61 20.75 4.85
CA ILE B 20 -2.58 21.70 4.40
C ILE B 20 -2.80 21.98 2.93
N ASN B 21 -3.20 23.20 2.63
CA ASN B 21 -3.67 23.55 1.29
C ASN B 21 -2.69 24.54 0.67
N ASN B 22 -1.73 24.03 -0.10
CA ASN B 22 -0.75 24.92 -0.70
C ASN B 22 -1.09 25.27 -2.14
N LYS B 23 -1.36 26.55 -2.38
CA LYS B 23 -1.87 26.98 -3.67
C LYS B 23 -0.85 27.86 -4.40
N ASN B 24 -0.19 28.72 -3.64
CA ASN B 24 0.70 29.75 -4.18
C ASN B 24 2.13 29.54 -3.72
N PHE B 25 3.04 29.50 -4.68
CA PHE B 25 4.41 29.12 -4.41
C PHE B 25 5.40 30.23 -4.72
N HIS B 26 6.50 30.26 -3.97
CA HIS B 26 7.52 31.28 -4.18
C HIS B 26 8.13 31.15 -5.58
N LYS B 27 8.40 32.30 -6.20
CA LYS B 27 9.05 32.36 -7.50
C LYS B 27 10.27 31.45 -7.62
N SER B 28 11.07 31.36 -6.56
CA SER B 28 12.29 30.57 -6.58
C SER B 28 12.05 29.08 -6.86
N THR B 29 10.85 28.60 -6.53
CA THR B 29 10.52 27.20 -6.71
C THR B 29 10.19 26.89 -8.16
N GLY B 30 9.78 27.91 -8.90
CA GLY B 30 9.36 27.74 -10.29
C GLY B 30 8.07 26.96 -10.46
N MET B 31 7.32 26.80 -9.38
CA MET B 31 6.08 26.02 -9.37
CA MET B 31 6.09 26.03 -9.47
C MET B 31 4.85 26.89 -9.65
N THR B 32 3.92 26.38 -10.44
CA THR B 32 2.74 27.14 -10.84
C THR B 32 1.69 27.11 -9.75
N SER B 33 0.79 28.08 -9.76
CA SER B 33 -0.27 28.09 -8.76
C SER B 33 -1.24 26.91 -8.98
N ARG B 34 -1.76 26.35 -7.90
CA ARG B 34 -2.53 25.13 -7.99
C ARG B 34 -4.04 25.37 -8.08
N SER B 35 -4.49 25.92 -9.21
CA SER B 35 -5.90 26.17 -9.45
CA SER B 35 -5.90 26.17 -9.43
C SER B 35 -6.76 24.93 -9.21
N GLY B 36 -7.84 25.08 -8.45
CA GLY B 36 -8.71 23.98 -8.13
C GLY B 36 -8.51 23.55 -6.69
N THR B 37 -7.38 23.90 -6.08
CA THR B 37 -7.08 23.31 -4.76
C THR B 37 -8.01 23.82 -3.64
N ASP B 38 -8.51 25.06 -3.78
CA ASP B 38 -9.44 25.60 -2.78
C ASP B 38 -10.76 24.81 -2.83
N VAL B 39 -11.11 24.33 -4.01
CA VAL B 39 -12.28 23.46 -4.13
C VAL B 39 -12.08 22.15 -3.34
N ASP B 40 -10.90 21.54 -3.48
CA ASP B 40 -10.56 20.36 -2.66
C ASP B 40 -10.61 20.67 -1.16
N ALA B 41 -10.05 21.80 -0.78
CA ALA B 41 -9.95 22.10 0.66
C ALA B 41 -11.33 22.28 1.30
N ALA B 42 -12.25 22.91 0.57
CA ALA B 42 -13.59 23.11 1.08
C ALA B 42 -14.36 21.79 1.11
N ASN B 43 -14.15 20.96 0.08
CA ASN B 43 -14.84 19.68 -0.03
C ASN B 43 -14.42 18.81 1.16
N LEU B 44 -13.12 18.81 1.42
CA LEU B 44 -12.57 18.01 2.53
C LEU B 44 -13.07 18.52 3.87
N ARG B 45 -13.06 19.84 4.05
CA ARG B 45 -13.48 20.44 5.31
C ARG B 45 -14.93 20.02 5.60
N GLU B 46 -15.79 20.11 4.58
CA GLU B 46 -17.17 19.70 4.76
C GLU B 46 -17.33 18.20 5.00
N THR B 47 -16.58 17.39 4.25
CA THR B 47 -16.70 15.93 4.31
C THR B 47 -16.28 15.43 5.68
N PHE B 48 -15.13 15.89 6.14
CA PHE B 48 -14.64 15.50 7.46
C PHE B 48 -15.41 16.10 8.63
N ARG B 49 -16.00 17.28 8.43
CA ARG B 49 -16.94 17.84 9.43
C ARG B 49 -18.13 16.92 9.64
N ASN B 50 -18.70 16.40 8.54
CA ASN B 50 -19.82 15.46 8.66
C ASN B 50 -19.43 14.14 9.34
N LEU B 51 -18.15 13.78 9.29
CA LEU B 51 -17.65 12.60 9.98
C LEU B 51 -17.26 12.91 11.44
N LYS B 52 -17.50 14.14 11.85
CA LYS B 52 -17.22 14.62 13.20
C LYS B 52 -15.74 14.74 13.55
N TYR B 53 -14.90 15.01 12.55
CA TYR B 53 -13.51 15.39 12.79
C TYR B 53 -13.41 16.87 13.08
N GLU B 54 -12.49 17.24 13.97
CA GLU B 54 -12.13 18.62 14.22
C GLU B 54 -11.18 19.05 13.10
N VAL B 55 -11.71 19.78 12.11
CA VAL B 55 -10.90 20.11 10.93
C VAL B 55 -10.14 21.42 11.17
N ARG B 56 -8.86 21.45 10.84
CA ARG B 56 -8.10 22.69 10.84
C ARG B 56 -7.55 22.92 9.45
N ASN B 57 -8.03 23.97 8.78
CA ASN B 57 -7.55 24.32 7.44
C ASN B 57 -6.37 25.28 7.51
N LYS B 58 -5.22 24.87 6.98
CA LYS B 58 -4.04 25.74 6.94
C LYS B 58 -3.71 26.05 5.47
N ASN B 59 -3.40 27.31 5.17
CA ASN B 59 -3.15 27.70 3.78
C ASN B 59 -1.74 28.23 3.53
N ASP B 60 -1.16 27.83 2.39
CA ASP B 60 0.10 28.39 1.90
C ASP B 60 1.19 28.42 2.96
N LEU B 61 1.55 27.23 3.45
CA LEU B 61 2.59 27.09 4.47
C LEU B 61 3.96 26.87 3.84
N THR B 62 4.98 27.53 4.40
CA THR B 62 6.36 27.26 4.03
C THR B 62 6.71 25.85 4.51
N ARG B 63 7.81 25.30 4.01
CA ARG B 63 8.20 23.97 4.47
C ARG B 63 8.55 23.96 5.96
N GLU B 64 9.08 25.06 6.47
CA GLU B 64 9.36 25.17 7.90
C GLU B 64 8.06 25.16 8.70
N GLU B 65 7.07 25.91 8.20
CA GLU B 65 5.76 25.95 8.84
C GLU B 65 5.05 24.60 8.86
N ILE B 66 5.22 23.81 7.82
CA ILE B 66 4.59 22.50 7.77
C ILE B 66 5.16 21.64 8.89
N VAL B 67 6.49 21.63 8.98
CA VAL B 67 7.17 20.84 9.99
C VAL B 67 6.77 21.27 11.40
N GLU B 68 6.74 22.57 11.66
CA GLU B 68 6.39 23.06 13.00
CA GLU B 68 6.39 23.08 12.98
C GLU B 68 4.94 22.76 13.34
N LEU B 69 4.05 22.93 12.38
CA LEU B 69 2.64 22.56 12.57
C LEU B 69 2.50 21.10 13.00
N MET B 70 3.18 20.20 12.27
CA MET B 70 3.10 18.78 12.55
C MET B 70 3.73 18.46 13.89
N ARG B 71 4.86 19.09 14.18
CA ARG B 71 5.48 18.93 15.48
C ARG B 71 4.52 19.35 16.61
N ASP B 72 3.93 20.53 16.49
CA ASP B 72 3.04 21.03 17.52
CA ASP B 72 3.02 21.05 17.50
C ASP B 72 1.83 20.13 17.70
N VAL B 73 1.24 19.71 16.59
CA VAL B 73 0.07 18.81 16.59
C VAL B 73 0.43 17.47 17.24
N SER B 74 1.63 17.00 16.99
CA SER B 74 2.06 15.74 17.61
C SER B 74 2.29 15.87 19.12
N LYS B 75 2.47 17.10 19.60
CA LYS B 75 2.67 17.33 21.03
C LYS B 75 1.38 17.56 21.83
N GLU B 76 0.26 17.72 21.14
CA GLU B 76 -1.03 17.80 21.79
C GLU B 76 -1.42 16.50 22.47
N ASP B 77 -2.35 16.58 23.41
CA ASP B 77 -2.84 15.39 24.08
C ASP B 77 -3.99 14.80 23.28
N HIS B 78 -3.76 13.70 22.56
CA HIS B 78 -4.82 13.08 21.77
C HIS B 78 -5.52 11.95 22.51
N SER B 79 -5.42 11.92 23.83
CA SER B 79 -5.99 10.83 24.64
CA SER B 79 -5.97 10.81 24.61
C SER B 79 -7.47 10.58 24.39
N LYS B 80 -8.22 11.67 24.21
CA LYS B 80 -9.67 11.56 24.02
C LYS B 80 -10.05 11.46 22.54
N ARG B 81 -9.06 11.28 21.67
CA ARG B 81 -9.31 11.22 20.23
C ARG B 81 -9.13 9.81 19.68
N SER B 82 -9.98 9.40 18.74
CA SER B 82 -9.92 8.04 18.19
C SER B 82 -8.84 7.86 17.13
N SER B 83 -8.51 8.95 16.43
CA SER B 83 -7.69 8.81 15.22
C SER B 83 -7.03 10.13 14.90
N PHE B 84 -6.22 10.15 13.85
CA PHE B 84 -5.62 11.40 13.40
C PHE B 84 -5.64 11.39 11.89
N VAL B 85 -6.07 12.50 11.30
CA VAL B 85 -6.02 12.63 9.83
C VAL B 85 -5.20 13.85 9.39
N CYS B 86 -4.38 13.67 8.36
CA CYS B 86 -3.66 14.80 7.78
C CYS B 86 -3.80 14.73 6.27
N VAL B 87 -4.27 15.82 5.66
CA VAL B 87 -4.41 15.85 4.22
C VAL B 87 -3.43 16.88 3.67
N LEU B 88 -2.64 16.47 2.70
CA LEU B 88 -1.62 17.32 2.10
C LEU B 88 -2.00 17.60 0.66
N LEU B 89 -2.15 18.88 0.33
CA LEU B 89 -2.52 19.29 -1.03
C LEU B 89 -1.41 20.20 -1.52
N SER B 90 -0.62 19.73 -2.47
CA SER B 90 0.52 20.54 -2.94
C SER B 90 1.16 19.93 -4.17
N HIS B 91 2.21 20.57 -4.67
CA HIS B 91 3.12 19.90 -5.59
C HIS B 91 3.89 18.86 -4.81
N GLY B 92 4.42 17.87 -5.50
CA GLY B 92 5.20 16.83 -4.86
C GLY B 92 6.07 16.05 -5.83
N GLU B 93 6.96 15.24 -5.27
CA GLU B 93 7.67 14.22 -6.02
C GLU B 93 7.63 13.00 -5.11
N GLU B 94 8.17 11.88 -5.57
CA GLU B 94 8.17 10.68 -4.76
C GLU B 94 8.82 10.96 -3.41
N GLY B 95 8.05 10.76 -2.34
CA GLY B 95 8.53 10.93 -0.98
C GLY B 95 8.65 12.37 -0.51
N ILE B 96 8.16 13.31 -1.33
CA ILE B 96 8.36 14.75 -1.09
C ILE B 96 7.08 15.57 -1.29
N ILE B 97 6.81 16.53 -0.40
CA ILE B 97 5.68 17.45 -0.55
C ILE B 97 6.27 18.86 -0.52
N PHE B 98 5.72 19.78 -1.33
CA PHE B 98 6.28 21.14 -1.36
C PHE B 98 5.61 22.08 -0.37
N GLY B 99 6.43 22.75 0.44
CA GLY B 99 5.96 23.94 1.10
C GLY B 99 5.96 25.02 0.02
N THR B 100 5.47 26.21 0.34
CA THR B 100 5.44 27.30 -0.62
C THR B 100 6.84 27.72 -1.06
N ASN B 101 7.83 27.53 -0.18
CA ASN B 101 9.21 27.93 -0.50
C ASN B 101 10.13 26.77 -0.86
N GLY B 102 9.60 25.56 -0.99
CA GLY B 102 10.42 24.43 -1.37
C GLY B 102 10.01 23.10 -0.74
N PRO B 103 10.70 22.02 -1.13
CA PRO B 103 10.36 20.64 -0.78
C PRO B 103 10.74 20.25 0.64
N VAL B 104 9.93 19.35 1.22
CA VAL B 104 10.27 18.70 2.47
C VAL B 104 9.94 17.21 2.37
N ASP B 105 10.80 16.38 2.94
CA ASP B 105 10.59 14.94 2.98
CA ASP B 105 10.59 14.94 2.96
C ASP B 105 9.32 14.58 3.73
N LEU B 106 8.49 13.72 3.16
CA LEU B 106 7.28 13.30 3.84
C LEU B 106 7.60 12.61 5.15
N LYS B 107 8.74 11.92 5.18
CA LYS B 107 9.17 11.19 6.38
C LYS B 107 9.33 12.12 7.58
N LYS B 108 9.71 13.36 7.30
CA LYS B 108 9.92 14.35 8.35
C LYS B 108 8.59 14.71 9.02
N ILE B 109 7.55 14.77 8.21
CA ILE B 109 6.19 15.11 8.64
C ILE B 109 5.59 13.95 9.46
N THR B 110 5.67 12.74 8.92
CA THR B 110 5.04 11.58 9.55
C THR B 110 5.79 11.05 10.77
N ASN B 111 7.08 11.33 10.87
CA ASN B 111 7.89 10.76 11.95
C ASN B 111 7.48 11.23 13.33
N PHE B 112 6.88 12.42 13.42
CA PHE B 112 6.36 12.92 14.69
C PHE B 112 5.26 12.05 15.26
N PHE B 113 4.63 11.27 14.40
CA PHE B 113 3.47 10.45 14.79
C PHE B 113 3.78 8.98 15.01
N ARG B 114 5.06 8.63 14.90
CA ARG B 114 5.51 7.27 15.16
CA ARG B 114 5.48 7.26 15.13
C ARG B 114 5.05 6.82 16.54
N GLY B 115 4.77 5.53 16.69
CA GLY B 115 4.26 4.96 17.93
C GLY B 115 5.00 5.41 19.18
N ASP B 116 6.31 5.51 19.08
CA ASP B 116 7.13 5.84 20.26
C ASP B 116 7.34 7.34 20.42
N ARG B 117 6.69 8.14 19.59
CA ARG B 117 6.91 9.59 19.61
C ARG B 117 5.66 10.42 19.89
N CYS B 118 4.48 9.84 19.67
CA CYS B 118 3.22 10.49 20.02
C CYS B 118 2.37 9.46 20.79
N ARG B 119 2.66 9.32 22.08
CA ARG B 119 2.08 8.26 22.90
CA ARG B 119 2.08 8.24 22.88
C ARG B 119 0.56 8.22 22.93
N SER B 120 -0.06 9.40 22.83
CA SER B 120 -1.52 9.43 22.94
C SER B 120 -2.20 9.05 21.61
N LEU B 121 -1.40 8.79 20.58
CA LEU B 121 -1.91 8.23 19.33
C LEU B 121 -1.48 6.79 19.09
N THR B 122 -0.66 6.23 19.99
CA THR B 122 -0.21 4.86 19.79
C THR B 122 -1.40 3.91 19.72
N GLY B 123 -1.40 3.03 18.73
CA GLY B 123 -2.46 2.06 18.56
C GLY B 123 -3.70 2.64 17.90
N LYS B 124 -3.66 3.91 17.53
CA LYS B 124 -4.78 4.57 16.84
C LYS B 124 -4.40 4.85 15.39
N PRO B 125 -5.37 4.79 14.48
CA PRO B 125 -5.00 4.99 13.06
C PRO B 125 -4.61 6.44 12.73
N LYS B 126 -3.53 6.55 11.95
CA LYS B 126 -3.03 7.84 11.49
C LYS B 126 -3.08 7.79 9.98
N LEU B 127 -3.95 8.62 9.42
CA LEU B 127 -4.24 8.58 8.00
C LEU B 127 -3.59 9.78 7.33
N PHE B 128 -2.72 9.52 6.36
CA PHE B 128 -2.13 10.62 5.59
C PHE B 128 -2.66 10.57 4.17
N ILE B 129 -3.38 11.61 3.76
CA ILE B 129 -4.05 11.61 2.47
C ILE B 129 -3.31 12.60 1.61
N ILE B 130 -2.75 12.15 0.50
CA ILE B 130 -1.75 12.95 -0.19
C ILE B 130 -2.09 13.18 -1.66
N GLN B 131 -2.44 14.42 -2.00
CA GLN B 131 -2.71 14.82 -3.38
C GLN B 131 -1.49 15.59 -3.83
N ALA B 132 -0.67 14.95 -4.67
CA ALA B 132 0.62 15.47 -5.14
C ALA B 132 1.19 14.44 -6.12
N CYS B 133 2.02 14.89 -7.05
CA CYS B 133 2.70 13.98 -7.96
C CYS B 133 3.77 13.15 -7.21
N ARG B 134 4.13 12.02 -7.81
CA ARG B 134 5.11 11.12 -7.21
C ARG B 134 6.21 10.77 -8.19
N GLY B 135 6.58 11.73 -9.03
CA GLY B 135 7.64 11.55 -9.99
C GLY B 135 8.97 11.30 -9.30
N THR B 136 9.85 10.56 -9.96
CA THR B 136 11.10 10.15 -9.31
C THR B 136 12.28 10.98 -9.83
N ILE B 157 5.57 -1.97 19.77
CA ILE B 157 4.96 -2.00 18.44
C ILE B 157 5.90 -1.48 17.36
N PRO B 158 5.80 -2.06 16.14
CA PRO B 158 6.62 -1.58 15.02
C PRO B 158 6.49 -0.07 14.83
N VAL B 159 7.59 0.52 14.37
CA VAL B 159 7.68 1.94 14.10
C VAL B 159 6.48 2.48 13.29
N GLU B 160 6.16 1.85 12.18
CA GLU B 160 5.13 2.44 11.32
C GLU B 160 3.75 1.78 11.36
N ALA B 161 3.51 0.98 12.40
CA ALA B 161 2.21 0.39 12.58
C ALA B 161 1.14 1.48 12.71
N ASP B 162 -0.06 1.17 12.24
CA ASP B 162 -1.21 2.05 12.34
C ASP B 162 -1.12 3.32 11.49
N PHE B 163 -0.26 3.30 10.48
CA PHE B 163 -0.27 4.34 9.43
C PHE B 163 -1.00 3.87 8.19
N LEU B 164 -1.74 4.78 7.57
CA LEU B 164 -2.30 4.52 6.26
C LEU B 164 -1.97 5.69 5.38
N TYR B 165 -1.39 5.43 4.21
CA TYR B 165 -1.15 6.50 3.26
C TYR B 165 -2.11 6.33 2.10
N ALA B 166 -2.99 7.31 1.89
CA ALA B 166 -3.85 7.25 0.71
C ALA B 166 -3.26 8.21 -0.34
N TYR B 167 -2.47 7.65 -1.24
CA TYR B 167 -1.80 8.44 -2.25
C TYR B 167 -2.73 8.63 -3.45
N SER B 168 -2.69 9.81 -4.04
CA SER B 168 -3.54 10.11 -5.18
C SER B 168 -3.14 9.32 -6.41
N THR B 169 -1.90 8.82 -6.44
CA THR B 169 -1.38 8.20 -7.64
C THR B 169 -0.33 7.15 -7.29
N ALA B 170 0.01 6.33 -8.28
CA ALA B 170 1.01 5.29 -8.12
C ALA B 170 2.42 5.87 -8.05
N PRO B 171 3.35 5.13 -7.43
CA PRO B 171 4.73 5.61 -7.41
C PRO B 171 5.26 5.91 -8.81
N GLY B 172 5.89 7.05 -8.94
CA GLY B 172 6.51 7.40 -10.20
C GLY B 172 5.60 8.23 -11.11
N TYR B 173 4.32 8.37 -10.74
CA TYR B 173 3.36 8.95 -11.69
C TYR B 173 2.88 10.34 -11.35
N TYR B 174 2.24 10.99 -12.32
CA TYR B 174 1.61 12.27 -12.08
C TYR B 174 0.28 12.10 -11.39
N SER B 175 -0.21 13.23 -10.88
CA SER B 175 -1.52 13.31 -10.27
C SER B 175 -2.22 14.55 -10.83
N TRP B 176 -3.47 14.37 -11.27
CA TRP B 176 -4.17 15.43 -12.00
CA TRP B 176 -4.22 15.37 -11.99
C TRP B 176 -5.15 16.23 -11.14
N ARG B 177 -5.27 17.50 -11.51
CA ARG B 177 -6.07 18.46 -10.78
C ARG B 177 -6.84 19.30 -11.78
N ASN B 178 -8.15 19.41 -11.59
CA ASN B 178 -8.96 20.19 -12.49
C ASN B 178 -9.19 21.56 -11.87
N SER B 179 -9.03 22.64 -12.63
CA SER B 179 -9.13 23.97 -12.04
C SER B 179 -10.55 24.27 -11.56
N LYS B 180 -11.56 23.69 -12.22
CA LYS B 180 -12.93 23.95 -11.82
CA LYS B 180 -12.96 23.91 -11.87
C LYS B 180 -13.41 23.03 -10.70
N ASP B 181 -13.15 21.72 -10.84
CA ASP B 181 -13.69 20.71 -9.93
C ASP B 181 -12.77 20.26 -8.79
N GLY B 182 -11.49 20.63 -8.85
CA GLY B 182 -10.52 20.14 -7.86
C GLY B 182 -9.80 18.90 -8.37
N SER B 183 -9.00 18.27 -7.51
CA SER B 183 -8.23 17.13 -7.98
C SER B 183 -9.14 15.91 -8.17
N TRP B 184 -8.83 15.08 -9.16
CA TRP B 184 -9.61 13.87 -9.41
C TRP B 184 -9.72 13.03 -8.13
N PHE B 185 -8.59 12.87 -7.45
CA PHE B 185 -8.53 11.98 -6.28
C PHE B 185 -9.37 12.53 -5.11
N ILE B 186 -9.17 13.81 -4.77
CA ILE B 186 -9.93 14.39 -3.64
C ILE B 186 -11.43 14.46 -3.94
N GLN B 187 -11.81 14.84 -5.16
CA GLN B 187 -13.22 14.84 -5.57
CA GLN B 187 -13.22 14.86 -5.53
C GLN B 187 -13.81 13.46 -5.33
N SER B 188 -13.07 12.46 -5.77
CA SER B 188 -13.57 11.08 -5.69
C SER B 188 -13.62 10.59 -4.24
N LEU B 189 -12.57 10.90 -3.48
CA LEU B 189 -12.50 10.53 -2.05
C LEU B 189 -13.68 11.13 -1.29
N CYS B 190 -13.93 12.41 -1.48
CA CYS B 190 -15.02 13.05 -0.78
C CYS B 190 -16.36 12.44 -1.15
N ALA B 191 -16.54 12.17 -2.45
CA ALA B 191 -17.81 11.58 -2.90
C ALA B 191 -18.02 10.21 -2.24
N MET B 192 -16.95 9.42 -2.17
CA MET B 192 -17.09 8.04 -1.67
C MET B 192 -17.27 8.03 -0.16
N LEU B 193 -16.60 8.97 0.53
CA LEU B 193 -16.87 9.11 1.98
C LEU B 193 -18.31 9.57 2.23
N LYS B 194 -18.79 10.52 1.45
CA LYS B 194 -20.15 11.00 1.66
C LYS B 194 -21.13 9.83 1.46
N GLN B 195 -20.86 8.99 0.46
CA GLN B 195 -21.82 7.96 0.10
C GLN B 195 -21.72 6.73 1.00
N TYR B 196 -20.50 6.39 1.44
CA TYR B 196 -20.27 5.08 2.06
C TYR B 196 -19.72 5.07 3.49
N ALA B 197 -19.33 6.21 4.04
CA ALA B 197 -18.67 6.17 5.35
C ALA B 197 -19.57 5.63 6.47
N ASP B 198 -20.88 5.62 6.26
CA ASP B 198 -21.77 5.12 7.32
C ASP B 198 -21.96 3.62 7.23
N LYS B 199 -21.31 3.00 6.24
CA LYS B 199 -21.44 1.57 6.04
C LYS B 199 -20.07 0.88 5.91
N LEU B 200 -19.30 1.29 4.92
CA LEU B 200 -18.14 0.50 4.48
C LEU B 200 -16.90 0.75 5.34
N GLU B 201 -16.06 -0.27 5.44
CA GLU B 201 -14.76 -0.13 6.09
C GLU B 201 -13.88 0.71 5.17
N PHE B 202 -12.93 1.47 5.73
CA PHE B 202 -12.19 2.49 4.98
C PHE B 202 -11.42 1.97 3.76
N MET B 203 -10.83 0.77 3.83
CA MET B 203 -10.11 0.23 2.68
CA MET B 203 -10.11 0.22 2.68
C MET B 203 -11.06 0.01 1.53
N HIS B 204 -12.29 -0.39 1.86
CA HIS B 204 -13.27 -0.59 0.80
C HIS B 204 -13.77 0.72 0.20
N ILE B 205 -13.87 1.76 1.03
CA ILE B 205 -14.17 3.08 0.49
C ILE B 205 -13.04 3.50 -0.45
N LEU B 206 -11.79 3.31 -0.02
CA LEU B 206 -10.65 3.73 -0.84
C LEU B 206 -10.57 2.91 -2.13
N THR B 207 -11.03 1.66 -2.08
CA THR B 207 -11.04 0.83 -3.29
C THR B 207 -12.03 1.40 -4.30
N ARG B 208 -13.18 1.87 -3.82
CA ARG B 208 -14.12 2.54 -4.73
C ARG B 208 -13.56 3.85 -5.27
N VAL B 209 -12.75 4.53 -4.47
CA VAL B 209 -12.06 5.72 -4.95
C VAL B 209 -11.11 5.34 -6.09
N ASN B 210 -10.35 4.25 -5.91
CA ASN B 210 -9.45 3.78 -6.96
C ASN B 210 -10.23 3.60 -8.26
N ARG B 211 -11.37 2.95 -8.16
CA ARG B 211 -12.13 2.64 -9.36
C ARG B 211 -12.68 3.90 -10.02
N LYS B 212 -13.20 4.81 -9.21
CA LYS B 212 -13.79 6.05 -9.71
C LYS B 212 -12.75 6.88 -10.46
N VAL B 213 -11.59 7.07 -9.84
CA VAL B 213 -10.52 7.86 -10.47
C VAL B 213 -10.03 7.18 -11.77
N ALA B 214 -9.86 5.87 -11.70
CA ALA B 214 -9.35 5.10 -12.86
C ALA B 214 -10.34 5.08 -14.02
N THR B 215 -11.62 5.12 -13.72
CA THR B 215 -12.60 4.96 -14.81
C THR B 215 -13.30 6.22 -15.30
N GLU B 216 -13.32 7.28 -14.50
CA GLU B 216 -14.18 8.40 -14.81
C GLU B 216 -13.42 9.64 -15.25
N PHE B 217 -12.10 9.54 -15.30
CA PHE B 217 -11.26 10.70 -15.60
C PHE B 217 -10.25 10.42 -16.69
N GLU B 218 -10.07 11.41 -17.55
CA GLU B 218 -9.00 11.39 -18.53
C GLU B 218 -8.57 12.81 -18.74
N SER B 219 -7.26 13.07 -18.72
CA SER B 219 -6.78 14.46 -18.73
C SER B 219 -6.95 15.17 -20.06
N PHE B 220 -7.13 16.48 -19.98
CA PHE B 220 -7.08 17.38 -21.14
C PHE B 220 -5.99 18.40 -20.89
N SER B 221 -5.03 18.49 -21.81
CA SER B 221 -3.96 19.46 -21.68
C SER B 221 -3.48 19.90 -23.04
N PHE B 222 -3.06 21.17 -23.15
CA PHE B 222 -2.43 21.65 -24.39
C PHE B 222 -1.02 21.10 -24.50
N ASP B 223 -0.45 20.67 -23.39
CA ASP B 223 0.88 20.05 -23.36
C ASP B 223 0.66 18.54 -23.55
N ALA B 224 1.14 18.02 -24.67
CA ALA B 224 0.95 16.60 -25.01
C ALA B 224 1.41 15.63 -23.92
N THR B 225 2.44 16.01 -23.17
CA THR B 225 2.98 15.16 -22.09
C THR B 225 1.92 14.86 -21.04
N PHE B 226 0.94 15.74 -20.95
CA PHE B 226 -0.01 15.69 -19.85
C PHE B 226 -1.42 15.41 -20.36
N HIS B 227 -1.54 15.23 -21.66
CA HIS B 227 -2.84 15.11 -22.31
C HIS B 227 -3.26 13.65 -22.50
N ALA B 228 -4.56 13.38 -22.40
CA ALA B 228 -5.12 12.03 -22.60
C ALA B 228 -4.51 10.98 -21.70
N LYS B 229 -4.25 11.36 -20.46
CA LYS B 229 -3.66 10.42 -19.51
C LYS B 229 -4.68 9.97 -18.47
N LYS B 230 -4.42 8.80 -17.88
CA LYS B 230 -5.29 8.31 -16.82
C LYS B 230 -4.47 8.12 -15.55
N GLN B 231 -5.16 7.87 -14.44
CA GLN B 231 -4.51 7.90 -13.13
C GLN B 231 -5.14 6.82 -12.27
N ILE B 232 -4.33 6.14 -11.47
CA ILE B 232 -4.84 5.18 -10.47
C ILE B 232 -4.26 5.53 -9.09
N PRO B 233 -5.13 5.79 -8.10
CA PRO B 233 -4.56 6.04 -6.77
C PRO B 233 -3.95 4.77 -6.17
N CYS B 234 -3.26 4.94 -5.04
CA CYS B 234 -2.48 3.86 -4.49
C CYS B 234 -2.62 3.87 -2.95
N ILE B 235 -3.22 2.81 -2.42
CA ILE B 235 -3.48 2.70 -0.99
C ILE B 235 -2.31 1.98 -0.37
N VAL B 236 -1.68 2.58 0.62
CA VAL B 236 -0.59 1.94 1.32
C VAL B 236 -0.98 1.79 2.79
N SER B 237 -1.34 0.56 3.17
CA SER B 237 -1.81 0.36 4.53
C SER B 237 -0.86 -0.43 5.42
N MET B 238 -0.51 0.20 6.54
CA MET B 238 0.14 -0.51 7.63
CA MET B 238 0.16 -0.46 7.65
C MET B 238 -0.78 -0.50 8.84
N LEU B 239 -2.08 -0.46 8.56
CA LEU B 239 -3.06 -0.50 9.64
C LEU B 239 -3.10 -1.90 10.20
N THR B 240 -3.48 -2.01 11.47
CA THR B 240 -3.57 -3.32 12.10
C THR B 240 -5.00 -3.75 12.39
N LYS B 241 -5.96 -2.87 12.11
CA LYS B 241 -7.35 -3.20 12.37
C LYS B 241 -8.20 -2.56 11.31
N GLU B 242 -9.44 -3.01 11.24
CA GLU B 242 -10.44 -2.39 10.38
C GLU B 242 -10.86 -1.02 10.91
N LEU B 243 -11.17 -0.10 10.00
CA LEU B 243 -11.53 1.26 10.41
C LEU B 243 -12.92 1.61 9.89
N TYR B 244 -13.86 1.85 10.80
CA TYR B 244 -15.20 2.28 10.40
C TYR B 244 -15.40 3.66 11.02
N PHE B 245 -15.86 4.62 10.22
CA PHE B 245 -16.07 6.01 10.73
C PHE B 245 -17.31 6.21 11.56
N TYR B 246 -17.87 5.14 12.09
CA TYR B 246 -19.03 5.23 12.94
C TYR B 246 -18.83 4.17 14.00
N HIS B 247 -19.77 4.09 14.93
CA HIS B 247 -19.72 3.09 15.97
C HIS B 247 -21.14 2.84 16.44
C ACE C 1 16.48 -17.94 13.62
O ACE C 1 16.22 -18.30 12.47
CH3 ACE C 1 17.07 -18.96 14.56
N ASP C 2 16.44 -16.67 14.02
CA ASP C 2 15.94 -15.57 13.18
C ASP C 2 17.01 -15.01 12.28
N GLU C 3 16.65 -14.78 11.03
CA GLU C 3 17.56 -14.22 10.03
C GLU C 3 16.78 -13.20 9.21
N VAL C 4 17.48 -12.28 8.60
CA VAL C 4 16.81 -11.31 7.73
C VAL C 4 16.94 -11.68 6.28
C AKZ C 5 16.43 -9.98 3.42
N AKZ C 5 15.99 -11.19 5.51
O AKZ C 5 16.03 -9.76 2.23
CA AKZ C 5 16.00 -11.29 4.06
CB AKZ C 5 14.63 -11.79 3.54
CG AKZ C 5 14.35 -13.28 3.75
OD1 AKZ C 5 13.20 -13.70 3.90
OD2 AKZ C 5 15.34 -14.03 3.78
C1 0QE C 6 17.98 -9.77 3.71
C ACE D 1 -7.74 21.39 -17.00
O ACE D 1 -8.03 21.78 -15.88
CH3 ACE D 1 -8.43 21.88 -18.26
N ASP D 2 -7.05 20.28 -17.18
CA ASP D 2 -6.39 19.65 -16.06
C ASP D 2 -4.92 20.07 -15.96
N GLU D 3 -4.40 20.08 -14.75
CA GLU D 3 -3.00 20.41 -14.50
C GLU D 3 -2.40 19.32 -13.63
N VAL D 4 -1.08 19.17 -13.65
CA VAL D 4 -0.47 18.19 -12.77
C VAL D 4 0.13 18.81 -11.52
C AKZ D 5 2.23 17.63 -9.17
N AKZ D 5 0.19 17.98 -10.48
O AKZ D 5 2.74 17.43 -8.04
CA AKZ D 5 0.85 18.29 -9.24
CB AKZ D 5 -0.05 17.90 -8.05
CG AKZ D 5 -1.22 18.83 -7.80
OD1 AKZ D 5 -1.06 20.05 -8.05
OD2 AKZ D 5 -2.26 18.36 -7.33
C1 0QE D 6 3.18 18.35 -10.24
CL CL E . 14.20 -24.52 4.56
CL CL F . -8.71 27.15 -6.24
#